data_5MXM
#
_entry.id   5MXM
#
_cell.length_a   38.363
_cell.length_b   91.104
_cell.length_c   109.010
_cell.angle_alpha   90.00
_cell.angle_beta   90.00
_cell.angle_gamma   90.00
#
_symmetry.space_group_name_H-M   'P 21 21 21'
#
loop_
_entity.id
_entity.type
_entity.pdbx_description
1 polymer 'Phosphoglycerate kinase 1'
2 non-polymer 'MAGNESIUM ION'
3 non-polymer '3-PHOSPHOGLYCERIC ACID'
4 non-polymer "ADENOSINE-5'-DIPHOSPHATE"
5 non-polymer 2-[BIS-(2-HYDROXY-ETHYL)-AMINO]-2-HYDROXYMETHYL-PROPANE-1,3-DIOL
6 water water
#
_entity_poly.entity_id   1
_entity_poly.type   'polypeptide(L)'
_entity_poly.pdbx_seq_one_letter_code
;SLSNKLTLDKLDVKGKRVVMRVDFNVPMKNNQITNNQRIKAAVPSIKFCLDNGAKSVVLMSHLGRPDGVPMPDKYSLEPV
AVELKSLLGKDVLFLKDCVGPEVEKACANPAAGSVILLENLRFHVEEEGKGKDASGNKVKAEPAKIEAFRASLSKLGDVY
VNDAFGTAHRAHSSMVGVNLPQKAGGFLIKKELNYFAKALESPERPFLAILGGAKVADKIQLINNMLDKVNEMIIGGGMA
FTFLKVLNNMEIGTSLFDEEGAKIVKDLMSKAEKNGVKITLPVDFVTADKFDENAKTGQATVASGIPAGWMGLDCGPESS
KKYAEAVTRAKQIVWNGPVGVFEWEAFARGTKALMDEVVKATSRGCITIIGGGDTATCCAKWNTEDKVSHVSTGGGASLE
LLEGKVLPGVDALSNI
;
_entity_poly.pdbx_strand_id   A
#
# COMPACT_ATOMS: atom_id res chain seq x y z
N LEU A 2 17.11 -0.30 10.45
CA LEU A 2 16.58 0.20 11.76
C LEU A 2 17.55 0.06 12.88
N SER A 3 18.48 -0.87 12.77
CA SER A 3 19.46 -1.09 13.83
C SER A 3 20.07 0.20 14.27
N ASN A 4 20.15 1.12 13.32
CA ASN A 4 20.77 2.42 13.42
C ASN A 4 19.92 3.63 13.93
N LYS A 5 18.62 3.39 14.07
CA LYS A 5 17.64 4.48 14.18
C LYS A 5 17.03 4.42 15.57
N LEU A 6 16.53 5.54 16.02
CA LEU A 6 15.72 5.59 17.24
C LEU A 6 14.42 4.89 16.94
N THR A 7 13.99 4.00 17.83
CA THR A 7 12.75 3.29 17.81
C THR A 7 11.99 3.54 19.13
N LEU A 8 10.67 3.37 19.08
CA LEU A 8 9.75 3.81 20.09
C LEU A 8 10.05 3.23 21.51
N ASP A 9 10.51 1.96 21.57
CA ASP A 9 11.01 1.32 22.80
C ASP A 9 12.13 2.08 23.52
N LYS A 10 12.85 2.99 22.85
CA LYS A 10 13.89 3.82 23.49
C LYS A 10 13.45 5.28 23.57
N LEU A 11 12.16 5.56 23.37
CA LEU A 11 11.68 6.96 23.37
C LEU A 11 10.96 7.16 24.69
N ASP A 12 11.39 8.14 25.49
CA ASP A 12 10.71 8.45 26.73
C ASP A 12 9.48 9.25 26.36
N VAL A 13 8.28 8.72 26.63
CA VAL A 13 7.04 9.46 26.26
C VAL A 13 6.27 10.00 27.47
N LYS A 14 6.78 9.76 28.66
CA LYS A 14 6.10 10.17 29.87
C LYS A 14 5.82 11.66 29.80
N GLY A 15 4.55 12.03 29.63
CA GLY A 15 4.15 13.46 29.70
C GLY A 15 4.33 14.23 28.42
N LYS A 16 4.70 13.51 27.35
CA LYS A 16 4.94 14.07 26.04
C LYS A 16 3.74 13.86 25.16
N ARG A 17 3.53 14.82 24.29
CA ARG A 17 2.58 14.64 23.21
C ARG A 17 3.29 13.90 22.08
N VAL A 18 2.71 12.79 21.61
CA VAL A 18 3.28 12.05 20.45
C VAL A 18 2.46 12.33 19.23
N VAL A 19 3.10 12.89 18.19
CA VAL A 19 2.54 12.96 16.84
C VAL A 19 3.05 11.76 16.02
N MET A 20 2.12 10.99 15.47
CA MET A 20 2.45 9.68 14.93
C MET A 20 1.86 9.52 13.53
N ARG A 21 2.71 9.25 12.57
CA ARG A 21 2.26 9.08 11.18
C ARG A 21 1.94 7.61 11.16
N VAL A 22 0.73 7.27 10.73
CA VAL A 22 0.33 5.86 10.57
C VAL A 22 -0.14 5.68 9.12
N ASP A 23 -0.23 4.45 8.63
CA ASP A 23 -0.91 4.19 7.38
C ASP A 23 -2.28 3.61 7.75
N PHE A 24 -3.24 4.54 7.82
CA PHE A 24 -4.64 4.22 7.93
C PHE A 24 -5.34 4.36 6.59
N ASN A 25 -4.63 4.06 5.49
CA ASN A 25 -5.20 4.18 4.14
C ASN A 25 -5.85 2.83 3.80
N VAL A 26 -7.01 2.62 4.43
CA VAL A 26 -7.68 1.32 4.52
C VAL A 26 -8.65 1.24 3.35
N PRO A 27 -8.90 0.04 2.83
CA PRO A 27 -9.89 -0.11 1.76
C PRO A 27 -11.29 0.20 2.26
N MET A 28 -12.09 0.74 1.35
CA MET A 28 -13.47 1.23 1.63
C MET A 28 -14.51 0.78 0.55
N LYS A 29 -15.79 0.64 0.94
CA LYS A 29 -16.93 0.58 0.00
C LYS A 29 -18.03 1.41 0.61
N ASN A 30 -18.25 2.60 0.07
CA ASN A 30 -19.38 3.48 0.45
C ASN A 30 -19.21 3.91 1.91
N ASN A 31 -18.09 4.57 2.14
CA ASN A 31 -17.61 4.91 3.47
C ASN A 31 -17.67 3.84 4.55
N GLN A 32 -17.64 2.56 4.16
CA GLN A 32 -17.49 1.49 5.12
C GLN A 32 -16.12 0.84 4.92
N ILE A 33 -15.48 0.51 6.04
CA ILE A 33 -14.16 -0.08 6.08
C ILE A 33 -14.28 -1.54 5.79
N THR A 34 -13.62 -2.01 4.71
CA THR A 34 -13.72 -3.44 4.29
C THR A 34 -12.68 -4.30 5.02
N ASN A 35 -11.61 -3.65 5.51
CA ASN A 35 -10.55 -4.32 6.20
C ASN A 35 -9.80 -3.38 7.14
N ASN A 36 -9.80 -3.68 8.45
CA ASN A 36 -9.20 -2.80 9.43
C ASN A 36 -7.80 -3.25 9.90
N GLN A 37 -7.28 -4.25 9.22
CA GLN A 37 -5.88 -4.70 9.35
C GLN A 37 -4.83 -3.59 9.63
N ARG A 38 -4.78 -2.59 8.77
CA ARG A 38 -3.79 -1.51 8.90
C ARG A 38 -4.00 -0.68 10.16
N ILE A 39 -5.29 -0.56 10.57
CA ILE A 39 -5.63 0.09 11.86
C ILE A 39 -5.14 -0.76 13.02
N LYS A 40 -5.56 -2.01 13.08
CA LYS A 40 -5.08 -2.90 14.12
C LYS A 40 -3.57 -2.95 14.25
N ALA A 41 -2.88 -2.90 13.11
CA ALA A 41 -1.45 -3.07 13.06
C ALA A 41 -0.69 -1.97 13.85
N ALA A 42 -1.29 -0.76 13.95
CA ALA A 42 -0.70 0.41 14.67
C ALA A 42 -0.96 0.39 16.17
N VAL A 43 -1.84 -0.51 16.60
CA VAL A 43 -2.32 -0.48 17.96
C VAL A 43 -1.21 -0.69 18.96
N PRO A 44 -0.35 -1.68 18.73
CA PRO A 44 0.81 -1.86 19.61
C PRO A 44 1.62 -0.53 19.88
N SER A 45 1.88 0.26 18.85
CA SER A 45 2.64 1.51 19.03
C SER A 45 1.82 2.52 19.83
N ILE A 46 0.55 2.62 19.51
CA ILE A 46 -0.38 3.52 20.19
C ILE A 46 -0.56 3.16 21.68
N LYS A 47 -0.70 1.88 21.97
CA LYS A 47 -0.87 1.46 23.35
C LYS A 47 0.38 1.65 24.16
N PHE A 48 1.51 1.32 23.57
CA PHE A 48 2.77 1.66 24.21
C PHE A 48 2.84 3.11 24.72
N CYS A 49 2.50 4.04 23.85
CA CYS A 49 2.57 5.47 24.15
C CYS A 49 1.61 5.77 25.27
N LEU A 50 0.39 5.27 25.18
CA LEU A 50 -0.59 5.50 26.24
C LEU A 50 -0.21 4.82 27.53
N ASP A 51 0.12 3.52 27.47
CA ASP A 51 0.61 2.82 28.63
C ASP A 51 1.81 3.49 29.27
N ASN A 52 2.72 4.08 28.52
CA ASN A 52 3.92 4.62 29.12
C ASN A 52 3.78 6.13 29.43
N GLY A 53 2.54 6.63 29.49
CA GLY A 53 2.21 7.96 30.00
C GLY A 53 2.22 9.13 29.00
N ALA A 54 2.09 8.82 27.71
CA ALA A 54 2.00 9.88 26.71
C ALA A 54 0.91 10.86 27.12
N LYS A 55 1.17 12.17 27.09
CA LYS A 55 0.04 13.12 27.29
C LYS A 55 -1.06 12.90 26.24
N SER A 56 -0.62 12.73 25.01
CA SER A 56 -1.52 12.51 23.89
C SER A 56 -0.83 11.71 22.80
N VAL A 57 -1.63 11.07 21.94
CA VAL A 57 -1.20 10.54 20.67
C VAL A 57 -2.05 11.16 19.56
N VAL A 58 -1.38 11.93 18.71
CA VAL A 58 -2.03 12.59 17.59
C VAL A 58 -1.72 11.73 16.38
N LEU A 59 -2.76 11.13 15.82
CA LEU A 59 -2.59 10.26 14.64
C LEU A 59 -2.86 10.94 13.34
N MET A 60 -2.01 10.68 12.37
CA MET A 60 -2.14 11.29 11.03
C MET A 60 -1.87 10.28 9.90
N SER A 61 -2.65 10.38 8.83
CA SER A 61 -2.53 9.47 7.68
C SER A 61 -3.20 10.13 6.53
N HIS A 62 -2.94 9.58 5.34
CA HIS A 62 -3.70 9.88 4.16
C HIS A 62 -4.78 8.81 3.98
N LEU A 63 -5.68 9.05 3.03
CA LEU A 63 -6.67 8.05 2.62
C LEU A 63 -6.92 8.27 1.15
N GLY A 64 -6.54 7.29 0.32
CA GLY A 64 -6.75 7.38 -1.13
C GLY A 64 -5.94 8.46 -1.77
N ARG A 65 -6.47 9.01 -2.89
CA ARG A 65 -5.70 10.01 -3.61
C ARG A 65 -6.57 11.20 -3.98
N PRO A 66 -7.02 11.96 -2.99
CA PRO A 66 -7.73 13.22 -3.24
C PRO A 66 -6.94 14.29 -3.98
N ASP A 67 -5.65 14.09 -4.21
CA ASP A 67 -4.83 15.01 -5.01
C ASP A 67 -4.82 16.47 -4.53
N GLY A 68 -4.86 16.69 -3.22
CA GLY A 68 -4.55 18.02 -2.66
C GLY A 68 -5.75 18.94 -2.54
N VAL A 69 -6.94 18.38 -2.70
CA VAL A 69 -8.20 19.07 -2.58
C VAL A 69 -9.01 18.37 -1.50
N PRO A 70 -9.70 19.13 -0.64
CA PRO A 70 -10.60 18.53 0.34
C PRO A 70 -11.76 17.77 -0.26
N MET A 71 -11.98 16.57 0.20
CA MET A 71 -12.97 15.67 -0.38
C MET A 71 -13.57 14.84 0.75
N PRO A 72 -14.13 15.51 1.74
CA PRO A 72 -14.64 14.78 2.90
C PRO A 72 -15.77 13.85 2.56
N ASP A 73 -16.47 14.12 1.46
CA ASP A 73 -17.56 13.27 1.05
C ASP A 73 -17.04 11.94 0.57
N LYS A 74 -15.88 11.94 -0.08
CA LYS A 74 -15.34 10.71 -0.67
C LYS A 74 -14.24 10.04 0.17
N TYR A 75 -13.42 10.85 0.86
CA TYR A 75 -12.09 10.47 1.42
C TYR A 75 -11.78 10.86 2.89
N SER A 76 -12.84 11.05 3.67
CA SER A 76 -12.66 11.37 5.08
C SER A 76 -12.15 10.17 5.89
N LEU A 77 -11.29 10.46 6.86
CA LEU A 77 -10.86 9.48 7.84
C LEU A 77 -11.84 9.31 8.98
N GLU A 78 -13.00 9.98 8.92
CA GLU A 78 -13.95 9.90 10.03
C GLU A 78 -14.35 8.46 10.36
N PRO A 79 -14.65 7.65 9.33
CA PRO A 79 -14.98 6.28 9.68
C PRO A 79 -13.85 5.53 10.41
N VAL A 80 -12.59 5.93 10.15
CA VAL A 80 -11.43 5.29 10.77
C VAL A 80 -11.38 5.66 12.25
N ALA A 81 -11.66 6.91 12.62
CA ALA A 81 -11.77 7.26 14.08
C ALA A 81 -12.80 6.40 14.83
N VAL A 82 -13.91 6.18 14.16
CA VAL A 82 -14.96 5.32 14.74
C VAL A 82 -14.48 3.90 14.92
N GLU A 83 -13.83 3.34 13.91
CA GLU A 83 -13.28 1.99 14.01
C GLU A 83 -12.14 1.94 15.00
N LEU A 84 -11.31 2.99 15.04
CA LEU A 84 -10.23 3.05 16.06
C LEU A 84 -10.76 2.98 17.49
N LYS A 85 -11.84 3.72 17.76
CA LYS A 85 -12.50 3.69 19.09
C LYS A 85 -12.66 2.27 19.51
N SER A 86 -13.32 1.50 18.63
CA SER A 86 -13.65 0.09 18.90
C SER A 86 -12.39 -0.68 19.14
N LEU A 87 -11.38 -0.50 18.30
CA LEU A 87 -10.18 -1.30 18.46
C LEU A 87 -9.39 -1.02 19.74
N LEU A 88 -9.38 0.24 20.19
CA LEU A 88 -8.60 0.64 21.39
C LEU A 88 -9.35 0.54 22.70
N GLY A 89 -10.68 0.46 22.62
CA GLY A 89 -11.53 0.66 23.80
C GLY A 89 -11.45 2.06 24.41
N LYS A 90 -11.09 3.07 23.62
CA LYS A 90 -10.96 4.44 24.09
C LYS A 90 -11.62 5.30 23.12
N ASP A 91 -11.95 6.49 23.58
CA ASP A 91 -12.59 7.37 22.64
CA ASP A 91 -12.55 7.55 22.76
C ASP A 91 -11.50 8.10 21.82
N VAL A 92 -11.90 8.56 20.65
CA VAL A 92 -10.98 9.18 19.69
C VAL A 92 -11.58 10.46 19.15
N LEU A 93 -10.96 11.59 19.47
CA LEU A 93 -11.37 12.85 18.94
C LEU A 93 -10.96 12.97 17.46
N PHE A 94 -11.95 13.10 16.58
CA PHE A 94 -11.66 13.30 15.16
C PHE A 94 -11.67 14.77 14.86
N LEU A 95 -10.59 15.27 14.27
CA LEU A 95 -10.59 16.64 13.77
C LEU A 95 -10.74 16.65 12.23
N LYS A 96 -11.49 17.66 11.78
CA LYS A 96 -11.85 17.90 10.38
C LYS A 96 -10.74 18.58 9.54
N ASP A 97 -9.56 18.81 10.14
CA ASP A 97 -8.39 19.19 9.39
C ASP A 97 -7.18 18.59 10.10
N CYS A 98 -6.01 18.79 9.53
CA CYS A 98 -4.75 18.26 10.03
C CYS A 98 -3.72 19.34 10.30
N VAL A 99 -4.00 20.58 9.88
CA VAL A 99 -3.08 21.72 10.11
C VAL A 99 -3.89 22.99 10.39
N GLY A 100 -3.17 24.02 10.80
CA GLY A 100 -3.73 25.35 10.97
C GLY A 100 -4.07 25.62 12.42
N PRO A 101 -4.55 26.85 12.70
CA PRO A 101 -4.69 27.28 14.12
C PRO A 101 -5.66 26.48 14.97
N GLU A 102 -6.81 26.10 14.43
CA GLU A 102 -7.76 25.28 15.19
C GLU A 102 -7.20 23.90 15.59
N VAL A 103 -6.53 23.23 14.65
CA VAL A 103 -5.91 21.96 14.90
C VAL A 103 -4.81 22.12 15.95
N GLU A 104 -3.92 23.09 15.78
CA GLU A 104 -2.84 23.35 16.76
C GLU A 104 -3.39 23.53 18.17
N LYS A 105 -4.48 24.29 18.22
CA LYS A 105 -5.17 24.54 19.48
C LYS A 105 -5.65 23.25 20.13
N ALA A 106 -6.44 22.44 19.41
CA ALA A 106 -6.89 21.17 19.95
C ALA A 106 -5.73 20.24 20.35
N CYS A 107 -4.61 20.33 19.65
CA CYS A 107 -3.46 19.48 20.01
C CYS A 107 -2.47 20.07 21.02
N ALA A 108 -2.59 21.35 21.35
CA ALA A 108 -1.54 22.04 22.13
C ALA A 108 -1.40 21.48 23.55
N ASN A 109 -2.50 21.20 24.25
CA ASN A 109 -2.40 20.72 25.63
C ASN A 109 -3.59 19.83 25.97
N PRO A 110 -3.61 18.60 25.43
CA PRO A 110 -4.80 17.78 25.63
C PRO A 110 -4.86 17.23 27.03
N ALA A 111 -6.03 16.81 27.44
CA ALA A 111 -6.19 16.00 28.63
C ALA A 111 -5.24 14.80 28.50
N ALA A 112 -4.65 14.38 29.61
CA ALA A 112 -3.78 13.18 29.63
C ALA A 112 -4.45 11.96 29.00
N GLY A 113 -3.76 11.24 28.11
CA GLY A 113 -4.34 10.07 27.47
C GLY A 113 -5.22 10.33 26.29
N SER A 114 -5.26 11.57 25.80
CA SER A 114 -6.12 11.91 24.70
C SER A 114 -5.61 11.26 23.40
N VAL A 115 -6.50 10.55 22.72
CA VAL A 115 -6.24 10.09 21.32
C VAL A 115 -6.99 10.99 20.32
N ILE A 116 -6.25 11.50 19.32
CA ILE A 116 -6.73 12.46 18.33
C ILE A 116 -6.37 11.93 16.96
N LEU A 117 -7.35 11.89 16.05
CA LEU A 117 -7.12 11.48 14.69
C LEU A 117 -7.43 12.69 13.85
N LEU A 118 -6.47 13.10 13.01
CA LEU A 118 -6.58 14.23 12.09
C LEU A 118 -7.23 13.79 10.82
N GLU A 119 -7.74 14.78 10.07
CA GLU A 119 -8.33 14.52 8.74
C GLU A 119 -7.23 14.19 7.70
N ASN A 120 -7.65 13.53 6.63
CA ASN A 120 -6.83 13.19 5.46
C ASN A 120 -5.79 14.23 5.06
N LEU A 121 -4.53 13.86 5.22
CA LEU A 121 -3.41 14.77 4.96
C LEU A 121 -3.38 15.28 3.53
N ARG A 122 -3.79 14.40 2.61
CA ARG A 122 -3.82 14.73 1.20
C ARG A 122 -4.99 15.64 0.76
N PHE A 123 -5.84 16.06 1.69
CA PHE A 123 -6.72 17.21 1.42
C PHE A 123 -5.91 18.50 1.22
N HIS A 124 -4.62 18.50 1.57
CA HIS A 124 -3.67 19.56 1.35
C HIS A 124 -2.56 19.17 0.37
N VAL A 125 -2.22 20.09 -0.51
CA VAL A 125 -1.40 19.76 -1.65
C VAL A 125 0.03 19.57 -1.17
N GLU A 126 0.34 20.21 -0.04
CA GLU A 126 1.67 20.28 0.50
C GLU A 126 2.17 18.95 1.11
N GLU A 127 1.28 17.98 1.32
CA GLU A 127 1.67 16.65 1.85
C GLU A 127 2.53 15.88 0.82
N GLU A 128 1.92 15.62 -0.34
CA GLU A 128 2.58 15.04 -1.49
C GLU A 128 3.55 16.00 -2.15
N GLY A 129 3.28 17.30 -2.06
CA GLY A 129 4.00 18.28 -2.81
C GLY A 129 3.43 18.48 -4.20
N LYS A 130 2.25 17.91 -4.47
CA LYS A 130 1.55 18.05 -5.75
C LYS A 130 0.16 17.40 -5.72
N GLY A 131 -0.60 17.68 -6.77
CA GLY A 131 -1.88 17.02 -7.00
C GLY A 131 -2.60 17.67 -8.19
N LYS A 132 -3.88 17.95 -7.99
CA LYS A 132 -4.75 18.54 -9.00
C LYS A 132 -5.56 19.60 -8.30
N ASP A 133 -5.77 20.76 -8.96
CA ASP A 133 -6.80 21.73 -8.48
C ASP A 133 -8.16 21.08 -8.68
N ALA A 134 -9.23 21.71 -8.19
CA ALA A 134 -10.57 21.06 -8.15
C ALA A 134 -11.22 20.80 -9.53
N SER A 135 -10.68 21.45 -10.57
CA SER A 135 -11.08 21.20 -11.96
C SER A 135 -10.36 20.02 -12.66
N GLY A 136 -9.49 19.29 -11.95
CA GLY A 136 -8.71 18.19 -12.53
C GLY A 136 -7.40 18.60 -13.22
N ASN A 137 -6.94 19.85 -13.06
CA ASN A 137 -5.68 20.29 -13.68
C ASN A 137 -4.49 20.14 -12.76
N LYS A 138 -3.41 19.50 -13.25
CA LYS A 138 -2.26 19.14 -12.43
C LYS A 138 -1.61 20.35 -11.85
N VAL A 139 -1.44 20.38 -10.54
CA VAL A 139 -0.69 21.46 -9.88
C VAL A 139 0.47 20.97 -8.99
N LYS A 140 1.42 21.88 -8.79
CA LYS A 140 2.60 21.67 -8.00
C LYS A 140 2.53 22.67 -6.83
N ALA A 141 2.78 22.18 -5.61
CA ALA A 141 2.76 22.99 -4.41
C ALA A 141 4.02 23.85 -4.27
N GLU A 142 3.85 24.94 -3.54
CA GLU A 142 4.85 25.99 -3.34
C GLU A 142 5.69 25.71 -2.12
N PRO A 143 7.04 25.86 -2.22
CA PRO A 143 7.90 25.42 -1.14
C PRO A 143 7.69 26.07 0.17
N ALA A 144 7.41 27.37 0.15
CA ALA A 144 7.23 28.04 1.42
C ALA A 144 5.92 27.56 2.08
N LYS A 145 4.96 27.13 1.27
CA LYS A 145 3.73 26.56 1.83
C LYS A 145 4.00 25.12 2.39
N ILE A 146 4.82 24.34 1.69
CA ILE A 146 5.24 23.00 2.15
C ILE A 146 5.91 23.09 3.53
N GLU A 147 6.79 24.08 3.67
CA GLU A 147 7.54 24.30 4.90
C GLU A 147 6.61 24.63 6.07
N ALA A 148 5.58 25.45 5.80
CA ALA A 148 4.58 25.84 6.77
C ALA A 148 3.66 24.69 7.17
N PHE A 149 3.32 23.86 6.17
CA PHE A 149 2.56 22.65 6.38
C PHE A 149 3.33 21.73 7.35
N ARG A 150 4.58 21.57 7.10
CA ARG A 150 5.46 20.77 7.98
C ARG A 150 5.64 21.36 9.36
N ALA A 151 5.77 22.68 9.42
CA ALA A 151 5.92 23.34 10.72
C ALA A 151 4.65 23.17 11.53
N SER A 152 3.49 23.32 10.92
CA SER A 152 2.20 23.10 11.58
C SER A 152 2.05 21.66 12.12
N LEU A 153 2.35 20.65 11.28
CA LEU A 153 2.34 19.24 11.75
C LEU A 153 3.25 19.04 12.97
N SER A 154 4.45 19.66 12.94
CA SER A 154 5.43 19.52 14.02
C SER A 154 5.00 20.12 15.36
N LYS A 155 4.15 21.14 15.34
CA LYS A 155 3.56 21.69 16.57
C LYS A 155 2.62 20.78 17.32
N LEU A 156 2.12 19.72 16.65
CA LEU A 156 1.06 18.87 17.20
CA LEU A 156 1.07 18.86 17.20
C LEU A 156 1.58 17.82 18.21
N GLY A 157 2.88 17.63 18.27
CA GLY A 157 3.51 16.69 19.20
C GLY A 157 4.79 17.28 19.70
N ASP A 158 5.29 16.72 20.81
CA ASP A 158 6.63 17.03 21.34
C ASP A 158 7.66 16.08 20.75
N VAL A 159 7.20 14.86 20.47
CA VAL A 159 8.05 13.82 19.88
C VAL A 159 7.25 13.27 18.72
N TYR A 160 7.96 12.69 17.76
CA TYR A 160 7.36 12.13 16.51
C TYR A 160 7.62 10.65 16.46
N VAL A 161 6.61 9.86 16.09
CA VAL A 161 6.77 8.45 15.71
C VAL A 161 6.30 8.26 14.29
N ASN A 162 7.05 7.48 13.51
CA ASN A 162 6.50 7.02 12.28
C ASN A 162 6.23 5.54 12.36
N ASP A 163 4.95 5.14 12.29
CA ASP A 163 4.64 3.73 12.18
C ASP A 163 3.97 3.34 10.86
N ALA A 164 4.08 4.23 9.89
CA ALA A 164 3.39 4.10 8.63
C ALA A 164 4.20 3.24 7.61
N PHE A 165 4.31 1.95 7.86
CA PHE A 165 5.09 1.08 7.00
C PHE A 165 4.57 1.08 5.59
N GLY A 166 3.26 0.96 5.44
CA GLY A 166 2.66 0.98 4.12
C GLY A 166 2.87 2.22 3.26
N THR A 167 3.32 3.30 3.87
CA THR A 167 3.54 4.55 3.17
C THR A 167 5.00 4.88 3.16
N ALA A 168 5.84 3.99 3.66
CA ALA A 168 7.24 4.36 3.96
C ALA A 168 8.11 4.66 2.74
N HIS A 169 7.64 4.22 1.59
CA HIS A 169 8.22 4.57 0.33
C HIS A 169 7.87 5.96 -0.16
N ARG A 170 7.04 6.71 0.56
CA ARG A 170 6.60 8.02 0.07
C ARG A 170 7.38 9.09 0.86
N ALA A 171 8.15 9.89 0.15
CA ALA A 171 8.92 10.97 0.79
C ALA A 171 7.99 12.21 0.89
N HIS A 172 6.85 12.05 1.57
CA HIS A 172 5.83 13.08 1.73
C HIS A 172 6.04 13.84 3.02
N SER A 173 5.36 14.98 3.15
CA SER A 173 5.66 15.88 4.28
C SER A 173 5.55 15.24 5.63
N SER A 174 4.43 14.58 5.89
CA SER A 174 4.21 13.89 7.14
C SER A 174 5.15 12.72 7.39
N MET A 175 5.82 12.23 6.37
CA MET A 175 6.71 11.07 6.51
C MET A 175 8.15 11.40 6.68
N VAL A 176 8.61 12.44 6.03
CA VAL A 176 10.03 12.80 6.16
C VAL A 176 10.24 14.22 6.63
N GLY A 177 9.19 15.05 6.66
CA GLY A 177 9.32 16.47 6.93
C GLY A 177 9.09 16.98 8.34
N VAL A 178 8.86 16.11 9.30
CA VAL A 178 8.47 16.59 10.62
C VAL A 178 9.74 17.00 11.34
N ASN A 179 9.71 18.21 11.87
CA ASN A 179 10.87 18.83 12.51
C ASN A 179 10.71 18.70 14.03
N LEU A 180 11.11 17.61 14.61
CA LEU A 180 11.10 17.45 16.07
C LEU A 180 12.41 16.81 16.42
N PRO A 181 12.91 17.02 17.66
CA PRO A 181 14.23 16.53 17.95
C PRO A 181 14.35 15.03 17.94
N GLN A 182 13.29 14.31 18.27
CA GLN A 182 13.32 12.85 18.28
C GLN A 182 12.23 12.28 17.37
N LYS A 183 12.67 11.44 16.46
CA LYS A 183 11.88 10.92 15.39
C LYS A 183 12.14 9.44 15.37
N ALA A 184 11.14 8.71 15.80
CA ALA A 184 11.29 7.30 16.18
C ALA A 184 10.40 6.37 15.37
N GLY A 185 10.94 5.21 14.95
CA GLY A 185 10.12 4.24 14.23
C GLY A 185 9.28 3.42 15.20
N GLY A 186 8.01 3.18 14.86
CA GLY A 186 7.16 2.37 15.68
C GLY A 186 7.46 0.87 15.53
N PHE A 187 6.64 0.10 16.23
CA PHE A 187 6.74 -1.34 16.25
C PHE A 187 6.25 -2.02 14.99
N LEU A 188 5.39 -1.37 14.20
CA LEU A 188 4.93 -2.02 13.01
C LEU A 188 6.05 -1.96 11.94
N ILE A 189 6.65 -0.80 11.82
CA ILE A 189 7.83 -0.62 11.00
C ILE A 189 8.94 -1.58 11.42
N LYS A 190 9.20 -1.73 12.72
CA LYS A 190 10.17 -2.67 13.19
C LYS A 190 9.84 -4.11 12.79
N LYS A 191 8.60 -4.49 12.99
CA LYS A 191 8.13 -5.85 12.68
C LYS A 191 8.30 -6.21 11.19
N GLU A 192 7.85 -5.29 10.34
CA GLU A 192 7.92 -5.44 8.89
C GLU A 192 9.38 -5.44 8.36
N LEU A 193 10.20 -4.47 8.77
CA LEU A 193 11.59 -4.41 8.33
C LEU A 193 12.34 -5.63 8.75
N ASN A 194 12.10 -6.14 9.98
CA ASN A 194 12.79 -7.34 10.42
C ASN A 194 12.33 -8.56 9.58
N TYR A 195 11.03 -8.69 9.29
CA TYR A 195 10.62 -9.87 8.51
C TYR A 195 11.29 -9.82 7.13
N PHE A 196 11.23 -8.68 6.47
CA PHE A 196 11.72 -8.62 5.08
C PHE A 196 13.26 -8.72 5.08
N ALA A 197 13.92 -8.20 6.14
CA ALA A 197 15.38 -8.31 6.19
C ALA A 197 15.81 -9.77 6.17
N LYS A 198 15.13 -10.61 6.95
CA LYS A 198 15.41 -12.03 6.98
C LYS A 198 14.99 -12.68 5.65
N ALA A 199 13.77 -12.43 5.17
CA ALA A 199 13.32 -13.10 3.98
C ALA A 199 14.04 -12.62 2.68
N LEU A 200 14.55 -11.41 2.66
CA LEU A 200 15.27 -10.93 1.46
C LEU A 200 16.77 -11.18 1.42
N GLU A 201 17.34 -11.63 2.55
CA GLU A 201 18.76 -11.81 2.67
C GLU A 201 19.25 -12.86 1.73
N SER A 202 18.61 -14.03 1.73
CA SER A 202 18.90 -15.02 0.70
C SER A 202 17.64 -15.78 0.40
N PRO A 203 16.86 -15.26 -0.53
CA PRO A 203 15.58 -15.90 -0.71
C PRO A 203 15.72 -17.38 -1.07
N GLU A 204 14.76 -18.17 -0.61
CA GLU A 204 14.62 -19.51 -1.12
C GLU A 204 14.33 -19.45 -2.58
N ARG A 205 14.81 -20.48 -3.30
CA ARG A 205 14.70 -20.52 -4.77
C ARG A 205 14.07 -21.75 -5.37
N PRO A 206 13.29 -21.58 -6.43
CA PRO A 206 12.94 -20.31 -7.07
C PRO A 206 12.10 -19.26 -6.29
N PHE A 207 12.41 -17.99 -6.50
CA PHE A 207 11.80 -16.85 -5.78
C PHE A 207 10.90 -16.23 -6.85
N LEU A 208 9.60 -16.33 -6.65
CA LEU A 208 8.57 -15.81 -7.54
C LEU A 208 8.01 -14.48 -7.00
N ALA A 209 8.05 -13.42 -7.80
CA ALA A 209 7.26 -12.21 -7.55
C ALA A 209 5.97 -12.26 -8.36
N ILE A 210 4.85 -12.03 -7.67
CA ILE A 210 3.51 -11.92 -8.31
C ILE A 210 3.07 -10.44 -8.25
N LEU A 211 3.06 -9.79 -9.39
CA LEU A 211 2.73 -8.38 -9.46
C LEU A 211 1.39 -8.24 -10.15
N GLY A 212 0.41 -7.62 -9.48
CA GLY A 212 -0.88 -7.37 -10.13
C GLY A 212 -1.33 -5.98 -9.78
N GLY A 213 -2.64 -5.86 -9.55
CA GLY A 213 -3.26 -4.64 -9.07
C GLY A 213 -3.56 -3.59 -10.10
N ALA A 214 -3.68 -2.33 -9.67
CA ALA A 214 -4.19 -1.26 -10.53
C ALA A 214 -3.31 -0.04 -10.61
N LYS A 215 -2.26 0.03 -9.81
CA LYS A 215 -1.41 1.21 -9.80
C LYS A 215 -0.25 0.92 -10.73
N VAL A 216 -0.60 0.89 -12.02
CA VAL A 216 0.26 0.38 -13.05
C VAL A 216 1.41 1.35 -13.31
N ALA A 217 1.13 2.65 -13.37
CA ALA A 217 2.21 3.64 -13.59
C ALA A 217 3.31 3.61 -12.52
N ASP A 218 2.93 3.48 -11.24
CA ASP A 218 3.87 3.27 -10.11
C ASP A 218 4.67 1.97 -10.18
N LYS A 219 3.96 0.86 -10.29
CA LYS A 219 4.55 -0.46 -10.22
C LYS A 219 5.43 -0.90 -11.37
N ILE A 220 5.09 -0.45 -12.56
CA ILE A 220 5.84 -0.82 -13.72
C ILE A 220 7.30 -0.30 -13.66
N GLN A 221 7.46 0.83 -12.98
CA GLN A 221 8.77 1.47 -12.77
C GLN A 221 9.64 0.75 -11.76
N LEU A 222 9.08 -0.22 -11.07
CA LEU A 222 9.81 -1.02 -10.09
C LEU A 222 10.32 -2.38 -10.63
N ILE A 223 9.84 -2.79 -11.80
CA ILE A 223 10.16 -4.08 -12.35
C ILE A 223 11.65 -4.23 -12.65
N ASN A 224 12.26 -3.17 -13.13
CA ASN A 224 13.63 -3.24 -13.58
C ASN A 224 14.60 -3.70 -12.49
N ASN A 225 14.53 -3.12 -11.31
CA ASN A 225 15.41 -3.55 -10.22
C ASN A 225 15.01 -4.95 -9.71
N MET A 226 13.72 -5.25 -9.72
CA MET A 226 13.24 -6.54 -9.20
C MET A 226 13.78 -7.73 -10.03
N LEU A 227 14.03 -7.47 -11.31
CA LEU A 227 14.54 -8.48 -12.21
C LEU A 227 15.97 -8.91 -11.87
N ASP A 228 16.68 -8.19 -11.04
CA ASP A 228 17.92 -8.70 -10.49
C ASP A 228 17.78 -9.58 -9.24
N LYS A 229 16.56 -9.72 -8.73
CA LYS A 229 16.29 -10.41 -7.48
C LYS A 229 15.47 -11.67 -7.60
N VAL A 230 14.59 -11.74 -8.57
CA VAL A 230 13.65 -12.86 -8.62
C VAL A 230 14.00 -13.79 -9.76
N ASN A 231 13.49 -15.01 -9.73
CA ASN A 231 13.72 -15.98 -10.84
C ASN A 231 12.52 -16.13 -11.73
N GLU A 232 11.33 -15.78 -11.21
CA GLU A 232 10.10 -15.78 -11.99
C GLU A 232 9.27 -14.56 -11.60
N MET A 233 8.46 -14.12 -12.52
CA MET A 233 7.55 -13.02 -12.24
C MET A 233 6.24 -13.26 -12.97
N ILE A 234 5.14 -13.31 -12.21
CA ILE A 234 3.78 -13.17 -12.79
C ILE A 234 3.44 -11.70 -12.91
N ILE A 235 3.09 -11.30 -14.12
CA ILE A 235 2.59 -9.98 -14.36
C ILE A 235 1.11 -10.10 -14.75
N GLY A 236 0.24 -9.73 -13.81
CA GLY A 236 -1.16 -9.99 -13.89
C GLY A 236 -1.93 -8.78 -13.45
N GLY A 237 -3.18 -8.99 -13.13
CA GLY A 237 -4.14 -7.88 -12.93
C GLY A 237 -4.10 -6.79 -13.98
N GLY A 238 -4.10 -5.54 -13.49
CA GLY A 238 -4.22 -4.39 -14.33
C GLY A 238 -2.94 -4.16 -15.07
N MET A 239 -1.82 -4.64 -14.51
CA MET A 239 -0.55 -4.44 -15.22
CA MET A 239 -0.53 -4.49 -15.19
C MET A 239 -0.41 -5.24 -16.52
N ALA A 240 -1.07 -6.40 -16.69
CA ALA A 240 -0.83 -7.18 -17.89
C ALA A 240 -1.12 -6.45 -19.17
N PHE A 241 -2.10 -5.57 -19.17
CA PHE A 241 -2.59 -5.05 -20.47
C PHE A 241 -1.55 -4.21 -21.15
N THR A 242 -0.77 -3.47 -20.36
CA THR A 242 0.30 -2.67 -20.92
C THR A 242 1.28 -3.57 -21.65
N PHE A 243 1.64 -4.66 -21.01
CA PHE A 243 2.59 -5.58 -21.61
C PHE A 243 2.07 -6.25 -22.85
N LEU A 244 0.83 -6.71 -22.85
CA LEU A 244 0.27 -7.47 -23.98
C LEU A 244 0.06 -6.59 -25.21
N LYS A 245 -0.34 -5.35 -24.97
CA LYS A 245 -0.47 -4.34 -26.03
C LYS A 245 0.86 -4.16 -26.73
N VAL A 246 1.94 -3.99 -25.98
CA VAL A 246 3.24 -3.71 -26.59
C VAL A 246 3.79 -4.98 -27.19
N LEU A 247 3.62 -6.12 -26.51
CA LEU A 247 4.28 -7.38 -26.96
C LEU A 247 3.51 -8.15 -28.00
N ASN A 248 2.22 -8.29 -27.80
CA ASN A 248 1.40 -9.09 -28.67
C ASN A 248 0.59 -8.25 -29.64
N ASN A 249 0.72 -6.93 -29.57
CA ASN A 249 -0.25 -6.03 -30.19
C ASN A 249 -1.68 -6.42 -29.90
N MET A 250 -1.92 -6.87 -28.67
CA MET A 250 -3.22 -7.40 -28.34
C MET A 250 -4.17 -6.22 -28.19
N GLU A 251 -5.34 -6.32 -28.80
CA GLU A 251 -6.38 -5.34 -28.61
C GLU A 251 -6.89 -5.46 -27.18
N ILE A 252 -6.81 -4.39 -26.41
CA ILE A 252 -7.16 -4.42 -25.01
C ILE A 252 -8.40 -3.65 -24.59
N GLY A 253 -9.11 -3.05 -25.54
CA GLY A 253 -10.30 -2.29 -25.18
C GLY A 253 -9.96 -1.10 -24.31
N THR A 254 -10.80 -0.89 -23.30
CA THR A 254 -10.64 0.16 -22.33
C THR A 254 -9.98 -0.32 -21.03
N SER A 255 -9.30 -1.46 -21.12
CA SER A 255 -8.50 -1.98 -19.99
C SER A 255 -7.42 -0.97 -19.57
N LEU A 256 -6.97 -1.06 -18.32
CA LEU A 256 -5.91 -0.18 -17.86
C LEU A 256 -4.69 -0.27 -18.81
N PHE A 257 -4.15 0.89 -19.08
CA PHE A 257 -3.00 1.03 -19.93
C PHE A 257 -2.11 2.18 -19.50
N ASP A 258 -0.83 1.90 -19.37
CA ASP A 258 0.14 2.91 -18.94
C ASP A 258 1.09 3.27 -20.05
N GLU A 259 0.80 4.41 -20.64
CA GLU A 259 1.45 4.96 -21.78
C GLU A 259 2.95 5.16 -21.61
N GLU A 260 3.37 5.56 -20.43
CA GLU A 260 4.78 5.73 -20.16
C GLU A 260 5.43 4.38 -19.95
N GLY A 261 4.81 3.55 -19.11
CA GLY A 261 5.23 2.15 -18.91
C GLY A 261 5.46 1.39 -20.22
N ALA A 262 4.58 1.63 -21.22
CA ALA A 262 4.63 0.93 -22.53
C ALA A 262 6.01 1.05 -23.17
N LYS A 263 6.63 2.19 -22.94
CA LYS A 263 7.89 2.54 -23.58
C LYS A 263 9.06 1.79 -23.01
N ILE A 264 8.92 1.17 -21.83
CA ILE A 264 10.00 0.27 -21.32
C ILE A 264 9.73 -1.23 -21.31
N VAL A 265 8.57 -1.68 -21.77
CA VAL A 265 8.18 -3.10 -21.72
C VAL A 265 9.23 -4.01 -22.38
N LYS A 266 9.59 -3.65 -23.60
CA LYS A 266 10.56 -4.44 -24.34
C LYS A 266 11.92 -4.50 -23.65
N ASP A 267 12.36 -3.39 -23.06
CA ASP A 267 13.60 -3.37 -22.25
C ASP A 267 13.54 -4.32 -21.05
N LEU A 268 12.46 -4.25 -20.29
CA LEU A 268 12.18 -5.20 -19.22
C LEU A 268 12.20 -6.66 -19.63
N MET A 269 11.58 -6.99 -20.75
CA MET A 269 11.58 -8.39 -21.20
C MET A 269 12.97 -8.82 -21.70
N SER A 270 13.73 -7.95 -22.31
CA SER A 270 15.13 -8.28 -22.58
C SER A 270 15.92 -8.54 -21.35
N LYS A 271 15.79 -7.68 -20.36
CA LYS A 271 16.48 -7.93 -19.08
C LYS A 271 16.06 -9.23 -18.47
N ALA A 272 14.78 -9.54 -18.53
CA ALA A 272 14.29 -10.77 -17.96
C ALA A 272 14.91 -11.94 -18.68
N GLU A 273 14.95 -11.89 -20.01
CA GLU A 273 15.59 -12.98 -20.75
C GLU A 273 17.10 -13.10 -20.37
N LYS A 274 17.78 -11.98 -20.21
CA LYS A 274 19.22 -12.00 -19.81
C LYS A 274 19.47 -12.57 -18.41
N ASN A 275 18.55 -12.28 -17.49
CA ASN A 275 18.63 -12.77 -16.11
C ASN A 275 17.96 -14.11 -15.91
N GLY A 276 17.50 -14.74 -16.99
CA GLY A 276 16.72 -15.97 -16.85
C GLY A 276 15.54 -15.88 -15.90
N VAL A 277 14.77 -14.78 -15.99
CA VAL A 277 13.52 -14.65 -15.22
C VAL A 277 12.38 -15.04 -16.08
N LYS A 278 11.69 -16.09 -15.70
CA LYS A 278 10.51 -16.56 -16.44
C LYS A 278 9.32 -15.61 -16.15
N ILE A 279 8.90 -14.91 -17.20
CA ILE A 279 7.73 -14.04 -17.16
C ILE A 279 6.47 -14.80 -17.52
N THR A 280 5.47 -14.80 -16.65
CA THR A 280 4.17 -15.34 -16.98
C THR A 280 3.08 -14.23 -17.05
N LEU A 281 2.53 -14.05 -18.22
CA LEU A 281 1.47 -13.10 -18.45
C LEU A 281 0.22 -13.93 -18.58
N PRO A 282 -0.93 -13.38 -18.22
CA PRO A 282 -2.16 -14.13 -18.55
C PRO A 282 -2.39 -14.31 -20.07
N VAL A 283 -3.21 -15.31 -20.42
CA VAL A 283 -3.57 -15.67 -21.77
C VAL A 283 -5.05 -15.57 -22.01
N ASP A 284 -5.84 -15.23 -21.00
CA ASP A 284 -7.29 -15.19 -21.12
C ASP A 284 -7.86 -14.38 -19.98
N PHE A 285 -9.07 -13.87 -20.17
CA PHE A 285 -9.65 -12.82 -19.35
C PHE A 285 -11.16 -13.00 -19.17
N VAL A 286 -11.65 -12.45 -18.09
CA VAL A 286 -13.04 -12.22 -17.92
C VAL A 286 -13.18 -10.76 -18.24
N THR A 287 -14.08 -10.42 -19.16
CA THR A 287 -14.30 -9.08 -19.60
C THR A 287 -15.64 -8.53 -19.06
N ALA A 288 -15.72 -7.20 -19.06
CA ALA A 288 -16.85 -6.49 -18.58
C ALA A 288 -17.10 -5.34 -19.52
N ASP A 289 -18.38 -5.07 -19.73
CA ASP A 289 -18.84 -4.02 -20.65
C ASP A 289 -18.80 -2.62 -20.09
N LYS A 290 -18.53 -2.50 -18.80
CA LYS A 290 -18.27 -1.22 -18.15
C LYS A 290 -17.62 -1.51 -16.79
N PHE A 291 -17.11 -0.46 -16.15
CA PHE A 291 -16.39 -0.57 -14.91
C PHE A 291 -17.41 -0.52 -13.77
N ASP A 292 -18.14 -1.61 -13.64
CA ASP A 292 -19.16 -1.70 -12.65
C ASP A 292 -19.26 -3.13 -12.12
N GLU A 293 -19.53 -3.32 -10.85
CA GLU A 293 -19.72 -4.69 -10.37
C GLU A 293 -20.91 -5.43 -11.00
N ASN A 294 -21.90 -4.68 -11.49
CA ASN A 294 -23.05 -5.28 -12.19
C ASN A 294 -22.95 -5.27 -13.68
N ALA A 295 -21.75 -5.03 -14.22
CA ALA A 295 -21.54 -5.17 -15.67
C ALA A 295 -21.86 -6.55 -16.24
N LYS A 296 -22.19 -6.55 -17.53
CA LYS A 296 -22.23 -7.79 -18.31
C LYS A 296 -20.82 -8.33 -18.43
N THR A 297 -20.71 -9.65 -18.38
CA THR A 297 -19.46 -10.35 -18.37
C THR A 297 -19.26 -11.13 -19.69
N GLY A 298 -18.00 -11.27 -20.10
CA GLY A 298 -17.63 -12.03 -21.26
C GLY A 298 -16.30 -12.69 -21.02
N GLN A 299 -15.86 -13.43 -22.02
CA GLN A 299 -14.57 -14.09 -22.08
C GLN A 299 -13.72 -13.51 -23.20
N ALA A 300 -12.43 -13.45 -22.97
CA ALA A 300 -11.50 -13.12 -24.04
C ALA A 300 -10.19 -13.88 -23.88
N THR A 301 -9.52 -14.05 -25.02
CA THR A 301 -8.17 -14.53 -25.07
C THR A 301 -7.24 -13.44 -25.69
N VAL A 302 -5.92 -13.68 -25.59
CA VAL A 302 -4.96 -12.79 -26.24
C VAL A 302 -5.25 -12.77 -27.73
N ALA A 303 -5.44 -13.96 -28.32
CA ALA A 303 -5.72 -14.11 -29.79
C ALA A 303 -6.97 -13.42 -30.23
N SER A 304 -8.04 -13.55 -29.46
CA SER A 304 -9.28 -12.86 -29.81
C SER A 304 -9.22 -11.35 -29.60
N GLY A 305 -8.40 -10.91 -28.67
CA GLY A 305 -8.50 -9.57 -28.16
C GLY A 305 -9.72 -9.35 -27.28
N ILE A 306 -9.81 -8.13 -26.74
CA ILE A 306 -10.92 -7.68 -25.90
C ILE A 306 -11.76 -6.81 -26.79
N PRO A 307 -13.11 -6.99 -26.78
CA PRO A 307 -13.92 -6.15 -27.69
C PRO A 307 -13.85 -4.70 -27.32
N ALA A 308 -14.14 -3.85 -28.30
CA ALA A 308 -14.06 -2.39 -28.14
C ALA A 308 -15.08 -1.94 -27.11
N GLY A 309 -14.67 -1.07 -26.21
CA GLY A 309 -15.53 -0.64 -25.14
C GLY A 309 -15.59 -1.60 -23.94
N TRP A 310 -14.93 -2.75 -23.98
CA TRP A 310 -14.97 -3.72 -22.87
C TRP A 310 -13.60 -3.67 -22.27
N MET A 311 -13.53 -4.12 -21.01
CA MET A 311 -12.27 -4.13 -20.24
C MET A 311 -12.02 -5.51 -19.55
N GLY A 312 -10.76 -5.87 -19.49
CA GLY A 312 -10.38 -7.09 -18.77
C GLY A 312 -10.30 -6.81 -17.30
N LEU A 313 -11.17 -7.45 -16.52
CA LEU A 313 -11.15 -7.29 -15.07
C LEU A 313 -10.76 -8.52 -14.20
N ASP A 314 -10.42 -9.63 -14.86
CA ASP A 314 -9.90 -10.80 -14.19
C ASP A 314 -9.20 -11.65 -15.23
N CYS A 315 -8.31 -12.51 -14.80
CA CYS A 315 -7.78 -13.49 -15.72
C CYS A 315 -8.79 -14.62 -15.87
N GLY A 316 -8.60 -15.45 -16.89
CA GLY A 316 -9.47 -16.60 -17.16
C GLY A 316 -8.82 -17.92 -16.72
N PRO A 317 -9.43 -19.04 -17.10
CA PRO A 317 -8.97 -20.31 -16.55
C PRO A 317 -7.60 -20.80 -17.06
N GLU A 318 -7.19 -20.49 -18.28
CA GLU A 318 -5.84 -20.92 -18.71
C GLU A 318 -4.74 -20.11 -18.03
N SER A 319 -5.05 -18.87 -17.77
CA SER A 319 -4.16 -18.03 -16.98
C SER A 319 -3.99 -18.56 -15.56
N SER A 320 -5.12 -18.88 -14.91
CA SER A 320 -5.08 -19.42 -13.56
C SER A 320 -4.18 -20.66 -13.51
N LYS A 321 -4.22 -21.48 -14.55
CA LYS A 321 -3.46 -22.72 -14.58
C LYS A 321 -1.97 -22.40 -14.68
N LYS A 322 -1.65 -21.45 -15.54
CA LYS A 322 -0.27 -21.00 -15.65
C LYS A 322 0.25 -20.30 -14.41
N TYR A 323 -0.60 -19.50 -13.78
CA TYR A 323 -0.26 -18.89 -12.51
C TYR A 323 -0.01 -20.02 -11.49
N ALA A 324 -0.89 -21.02 -11.45
CA ALA A 324 -0.71 -22.13 -10.50
C ALA A 324 0.64 -22.90 -10.62
N GLU A 325 1.12 -23.05 -11.85
CA GLU A 325 2.32 -23.79 -12.15
C GLU A 325 3.52 -23.01 -11.71
N ALA A 326 3.49 -21.68 -11.90
CA ALA A 326 4.58 -20.85 -11.35
C ALA A 326 4.58 -20.93 -9.81
N VAL A 327 3.40 -20.96 -9.19
CA VAL A 327 3.30 -21.02 -7.74
C VAL A 327 3.81 -22.37 -7.20
N THR A 328 3.40 -23.43 -7.88
CA THR A 328 3.95 -24.82 -7.68
C THR A 328 5.47 -24.92 -7.81
N ARG A 329 6.10 -24.18 -8.70
CA ARG A 329 7.57 -24.19 -8.77
C ARG A 329 8.34 -23.33 -7.75
N ALA A 330 7.65 -22.43 -7.04
CA ALA A 330 8.35 -21.52 -6.15
C ALA A 330 8.68 -22.15 -4.80
N LYS A 331 9.83 -21.75 -4.24
CA LYS A 331 10.11 -21.93 -2.80
C LYS A 331 9.94 -20.71 -1.88
N GLN A 332 9.87 -19.53 -2.50
CA GLN A 332 9.54 -18.28 -1.84
C GLN A 332 8.69 -17.44 -2.81
N ILE A 333 7.68 -16.75 -2.29
CA ILE A 333 6.82 -15.90 -3.16
C ILE A 333 6.62 -14.52 -2.48
N VAL A 334 6.66 -13.42 -3.27
CA VAL A 334 6.15 -12.11 -2.80
C VAL A 334 5.08 -11.75 -3.77
N TRP A 335 3.87 -11.53 -3.27
CA TRP A 335 2.72 -11.17 -4.05
C TRP A 335 2.19 -9.81 -3.57
N ASN A 336 2.13 -8.85 -4.48
CA ASN A 336 1.44 -7.60 -4.36
C ASN A 336 0.63 -7.29 -5.65
N GLY A 337 -0.69 -7.23 -5.46
CA GLY A 337 -1.65 -6.83 -6.50
C GLY A 337 -2.55 -7.99 -6.84
N PRO A 338 -3.88 -7.91 -6.52
CA PRO A 338 -4.85 -8.93 -6.95
C PRO A 338 -4.78 -9.03 -8.48
N VAL A 339 -5.09 -10.21 -9.01
CA VAL A 339 -5.02 -10.47 -10.44
C VAL A 339 -6.35 -10.25 -11.09
N GLY A 340 -7.32 -9.78 -10.32
CA GLY A 340 -8.55 -9.24 -10.90
C GLY A 340 -9.15 -8.28 -9.91
N VAL A 341 -10.31 -7.75 -10.25
CA VAL A 341 -11.07 -6.85 -9.42
C VAL A 341 -11.85 -7.73 -8.40
N PHE A 342 -11.08 -8.17 -7.41
CA PHE A 342 -11.49 -9.23 -6.50
C PHE A 342 -12.61 -8.72 -5.60
N GLU A 343 -12.74 -7.42 -5.51
CA GLU A 343 -13.77 -6.82 -4.73
C GLU A 343 -15.18 -7.10 -5.27
N TRP A 344 -15.27 -7.43 -6.55
CA TRP A 344 -16.50 -7.60 -7.25
C TRP A 344 -16.57 -9.09 -7.64
N GLU A 345 -17.64 -9.76 -7.27
CA GLU A 345 -17.65 -11.22 -7.31
C GLU A 345 -17.53 -11.83 -8.73
N ALA A 346 -18.06 -11.12 -9.74
CA ALA A 346 -17.86 -11.51 -11.12
C ALA A 346 -16.39 -11.53 -11.49
N PHE A 347 -15.52 -10.79 -10.75
CA PHE A 347 -14.12 -10.66 -11.20
C PHE A 347 -13.07 -11.12 -10.21
N ALA A 348 -13.52 -11.96 -9.27
CA ALA A 348 -12.78 -12.45 -8.09
C ALA A 348 -12.22 -13.83 -8.17
N ARG A 349 -12.67 -14.62 -9.16
CA ARG A 349 -12.34 -16.05 -9.20
C ARG A 349 -10.83 -16.30 -9.39
N GLY A 350 -10.19 -15.55 -10.27
CA GLY A 350 -8.76 -15.77 -10.45
C GLY A 350 -7.93 -15.41 -9.24
N THR A 351 -8.28 -14.32 -8.56
CA THR A 351 -7.55 -13.94 -7.38
C THR A 351 -7.79 -14.99 -6.28
N LYS A 352 -9.01 -15.51 -6.24
CA LYS A 352 -9.38 -16.56 -5.30
C LYS A 352 -8.62 -17.86 -5.63
N ALA A 353 -8.59 -18.26 -6.88
CA ALA A 353 -7.78 -19.39 -7.28
C ALA A 353 -6.30 -19.23 -6.95
N LEU A 354 -5.76 -18.06 -7.20
CA LEU A 354 -4.34 -17.88 -6.94
C LEU A 354 -4.06 -18.04 -5.41
N MET A 355 -4.94 -17.48 -4.60
CA MET A 355 -4.83 -17.56 -3.15
C MET A 355 -4.83 -19.01 -2.70
N ASP A 356 -5.78 -19.79 -3.18
CA ASP A 356 -5.82 -21.22 -2.85
C ASP A 356 -4.51 -21.88 -3.14
N GLU A 357 -3.89 -21.56 -4.29
CA GLU A 357 -2.60 -22.17 -4.64
C GLU A 357 -1.45 -21.74 -3.73
N VAL A 358 -1.46 -20.46 -3.38
CA VAL A 358 -0.43 -19.93 -2.48
C VAL A 358 -0.56 -20.51 -1.05
N VAL A 359 -1.80 -20.68 -0.59
CA VAL A 359 -2.07 -21.36 0.70
C VAL A 359 -1.53 -22.79 0.66
N LYS A 360 -1.78 -23.49 -0.44
CA LYS A 360 -1.28 -24.83 -0.65
C LYS A 360 0.23 -24.84 -0.58
N ALA A 361 0.84 -23.89 -1.29
CA ALA A 361 2.26 -23.80 -1.32
C ALA A 361 2.85 -23.61 0.08
N THR A 362 2.23 -22.76 0.89
CA THR A 362 2.69 -22.50 2.26
C THR A 362 2.71 -23.83 3.06
N SER A 363 1.67 -24.62 2.82
CA SER A 363 1.57 -25.92 3.39
C SER A 363 2.70 -26.93 3.06
N ARG A 364 3.28 -26.88 1.86
CA ARG A 364 4.43 -27.72 1.54
C ARG A 364 5.77 -26.98 1.74
N GLY A 365 5.72 -25.87 2.47
CA GLY A 365 6.92 -25.22 2.93
C GLY A 365 7.42 -24.06 2.08
N CYS A 366 6.63 -23.62 1.11
CA CYS A 366 6.90 -22.40 0.43
C CYS A 366 6.79 -21.22 1.40
N ILE A 367 7.76 -20.33 1.35
CA ILE A 367 7.66 -19.11 2.14
C ILE A 367 6.81 -18.13 1.31
N THR A 368 5.65 -17.75 1.84
CA THR A 368 4.68 -16.97 1.11
C THR A 368 4.44 -15.63 1.79
N ILE A 369 4.57 -14.56 1.02
CA ILE A 369 4.49 -13.21 1.57
C ILE A 369 3.47 -12.44 0.74
N ILE A 370 2.39 -11.97 1.37
CA ILE A 370 1.31 -11.22 0.64
C ILE A 370 1.25 -9.83 1.19
N GLY A 371 1.43 -8.83 0.35
CA GLY A 371 1.39 -7.47 0.89
C GLY A 371 0.55 -6.49 0.12
N GLY A 372 -0.03 -5.51 0.83
CA GLY A 372 -0.65 -4.34 0.24
C GLY A 372 -1.98 -4.09 0.92
N GLY A 373 -2.46 -2.84 0.85
CA GLY A 373 -3.74 -2.52 1.53
C GLY A 373 -4.88 -3.35 0.96
N ASP A 374 -4.92 -3.41 -0.37
CA ASP A 374 -5.89 -4.27 -1.09
C ASP A 374 -5.51 -5.77 -1.21
N THR A 375 -4.24 -6.13 -1.41
CA THR A 375 -3.89 -7.57 -1.54
C THR A 375 -4.07 -8.34 -0.22
N ALA A 376 -3.79 -7.68 0.89
CA ALA A 376 -4.00 -8.22 2.23
C ALA A 376 -5.48 -8.36 2.53
N THR A 377 -6.30 -7.50 1.95
CA THR A 377 -7.73 -7.62 2.08
C THR A 377 -8.22 -8.89 1.41
N CYS A 378 -7.50 -9.37 0.38
CA CYS A 378 -7.79 -10.69 -0.17
C CYS A 378 -7.68 -11.76 0.86
N CYS A 379 -6.62 -11.71 1.64
CA CYS A 379 -6.47 -12.65 2.75
C CYS A 379 -7.59 -12.51 3.81
N ALA A 380 -8.02 -11.29 4.07
CA ALA A 380 -9.08 -11.08 5.06
C ALA A 380 -10.36 -11.63 4.48
N LYS A 381 -10.63 -11.30 3.21
CA LYS A 381 -11.86 -11.75 2.57
C LYS A 381 -12.11 -13.24 2.64
N TRP A 382 -11.05 -14.03 2.44
CA TRP A 382 -11.14 -15.47 2.31
C TRP A 382 -10.52 -16.17 3.51
N ASN A 383 -10.26 -15.42 4.58
CA ASN A 383 -9.75 -15.96 5.80
C ASN A 383 -8.43 -16.75 5.65
N THR A 384 -7.47 -16.16 4.93
CA THR A 384 -6.15 -16.80 4.78
C THR A 384 -4.98 -16.10 5.49
N GLU A 385 -5.26 -15.12 6.36
CA GLU A 385 -4.19 -14.33 6.98
C GLU A 385 -3.23 -15.22 7.72
N ASP A 386 -3.74 -16.34 8.24
CA ASP A 386 -2.93 -17.28 9.01
C ASP A 386 -2.50 -18.53 8.28
N LYS A 387 -2.67 -18.54 6.97
CA LYS A 387 -2.37 -19.70 6.14
C LYS A 387 -1.29 -19.40 5.10
N VAL A 388 -0.65 -18.22 5.23
CA VAL A 388 0.54 -17.85 4.45
C VAL A 388 1.61 -17.44 5.46
N SER A 389 2.86 -17.25 5.06
CA SER A 389 3.88 -16.99 6.03
C SER A 389 3.82 -15.54 6.60
N HIS A 390 3.41 -14.55 5.79
CA HIS A 390 3.43 -13.18 6.23
C HIS A 390 2.51 -12.36 5.37
N VAL A 391 1.63 -11.61 6.04
CA VAL A 391 0.73 -10.68 5.46
C VAL A 391 1.32 -9.35 5.87
N SER A 392 1.79 -8.57 4.89
CA SER A 392 2.35 -7.29 5.20
C SER A 392 1.30 -6.16 4.92
N THR A 393 1.44 -5.10 5.70
CA THR A 393 0.64 -3.91 5.51
C THR A 393 1.21 -3.11 4.34
N GLY A 394 2.39 -3.46 3.85
CA GLY A 394 3.07 -2.76 2.77
C GLY A 394 2.91 -3.50 1.44
N GLY A 395 2.59 -2.76 0.38
CA GLY A 395 2.49 -3.34 -0.92
C GLY A 395 3.62 -2.77 -1.78
N GLY A 396 3.37 -1.61 -2.35
CA GLY A 396 4.45 -0.85 -2.98
C GLY A 396 5.66 -0.67 -2.08
N ALA A 397 5.46 -0.40 -0.77
CA ALA A 397 6.61 -0.34 0.16
C ALA A 397 7.44 -1.66 0.19
N SER A 398 6.73 -2.78 0.22
CA SER A 398 7.36 -4.10 0.15
C SER A 398 8.14 -4.36 -1.17
N LEU A 399 7.60 -3.92 -2.31
CA LEU A 399 8.29 -4.10 -3.59
C LEU A 399 9.54 -3.25 -3.63
N GLU A 400 9.52 -2.07 -3.00
CA GLU A 400 10.71 -1.22 -2.98
C GLU A 400 11.80 -1.86 -2.14
N LEU A 401 11.44 -2.51 -1.01
CA LEU A 401 12.43 -3.38 -0.29
C LEU A 401 12.99 -4.54 -1.14
N LEU A 402 12.12 -5.14 -1.95
CA LEU A 402 12.51 -6.23 -2.82
C LEU A 402 13.44 -5.71 -3.86
N GLU A 403 13.24 -4.50 -4.33
CA GLU A 403 14.21 -3.84 -5.22
C GLU A 403 15.58 -3.68 -4.58
N GLY A 404 15.63 -3.64 -3.25
CA GLY A 404 16.88 -3.42 -2.51
C GLY A 404 17.02 -1.99 -1.98
N LYS A 405 15.93 -1.22 -2.03
CA LYS A 405 15.98 0.15 -1.63
C LYS A 405 15.76 0.33 -0.14
N VAL A 406 16.17 1.51 0.32
CA VAL A 406 15.82 2.01 1.66
C VAL A 406 14.55 2.80 1.51
N LEU A 407 13.74 2.76 2.56
CA LEU A 407 12.48 3.51 2.56
C LEU A 407 12.70 4.88 3.21
N PRO A 408 12.23 5.95 2.58
CA PRO A 408 12.47 7.28 3.08
C PRO A 408 11.90 7.54 4.45
N GLY A 409 10.71 6.99 4.73
CA GLY A 409 10.08 7.12 6.00
C GLY A 409 10.88 6.49 7.11
N VAL A 410 11.69 5.48 6.81
CA VAL A 410 12.70 4.91 7.73
C VAL A 410 13.97 5.74 7.80
N ASP A 411 14.52 6.07 6.65
CA ASP A 411 15.73 6.84 6.49
C ASP A 411 15.64 8.22 7.15
N ALA A 412 14.44 8.83 7.20
CA ALA A 412 14.23 10.11 7.91
C ALA A 412 14.17 10.08 9.43
N LEU A 413 14.22 8.90 10.02
CA LEU A 413 14.22 8.78 11.48
C LEU A 413 15.56 9.24 12.10
N SER A 414 15.53 9.63 13.36
CA SER A 414 16.74 10.01 14.09
C SER A 414 17.68 8.81 14.19
N ASN A 415 18.97 9.06 14.14
CA ASN A 415 19.95 8.00 14.40
C ASN A 415 20.19 7.79 15.86
N ILE A 416 20.60 6.58 16.28
CA ILE A 416 20.83 6.24 17.73
C ILE A 416 22.00 7.00 18.36
#